data_8ACB
#
_entry.id   8ACB
#
_cell.length_a   1.00
_cell.length_b   1.00
_cell.length_c   1.00
_cell.angle_alpha   90.00
_cell.angle_beta   90.00
_cell.angle_gamma   90.00
#
_symmetry.space_group_name_H-M   'P 1'
#
loop_
_entity.id
_entity.type
_entity.pdbx_description
1 polymer 'Genome polyprotein'
2 polymer 'Single-stranded RNA'
#
loop_
_entity_poly.entity_id
_entity_poly.type
_entity_poly.pdbx_seq_one_letter_code
_entity_poly.pdbx_strand_id
1 'polypeptide(L)'
;VPRVKMNANKKRQPMVNGRAIINFQHLSTYEPEQFEVANTRSTQEQFQAWYEGVKGDYGVDDTGMGILLNGLMVWCIENG
TSPNINGVWTMMDGDEQVTYPIKPLLDHAVPTFRQIMTHFSDVAEAYIEMRNRTKAYMPRYGLQRNLTDMSLARYAFDFY
ELHSTTPARAKEAHLQMKAAALKNARNRLFGLDGNVSTQEEDTERHTTTDVTRNIHNLLG
;
A
2 'polyribonucleotide' UUUUU B
#
# COMPACT_ATOMS: atom_id res chain seq x y z
N VAL A 1 25.30 -5.32 -53.76
CA VAL A 1 25.05 -4.15 -52.94
C VAL A 1 24.37 -4.56 -51.63
N PRO A 2 25.17 -4.83 -50.60
CA PRO A 2 24.60 -5.25 -49.33
C PRO A 2 23.95 -4.11 -48.58
N ARG A 3 22.97 -4.47 -47.74
CA ARG A 3 22.28 -3.49 -46.90
C ARG A 3 23.06 -3.26 -45.62
N VAL A 4 23.35 -2.01 -45.32
CA VAL A 4 24.09 -1.66 -44.12
C VAL A 4 23.16 -1.64 -42.92
N LYS A 5 23.67 -2.08 -41.78
CA LYS A 5 22.93 -2.08 -40.53
C LYS A 5 23.41 -0.95 -39.64
N MET A 6 22.47 -0.13 -39.16
CA MET A 6 22.77 1.06 -38.38
C MET A 6 22.65 0.77 -36.90
N ASN A 7 23.59 1.31 -36.13
CA ASN A 7 23.54 1.21 -34.67
C ASN A 7 24.16 2.48 -34.09
N ALA A 8 23.37 3.24 -33.34
CA ALA A 8 23.78 4.54 -32.84
C ALA A 8 23.84 4.53 -31.32
N ASN A 9 24.87 5.19 -30.78
CA ASN A 9 25.05 5.31 -29.34
C ASN A 9 25.78 6.63 -29.08
N LYS A 10 26.31 6.78 -27.86
CA LYS A 10 27.12 7.93 -27.47
C LYS A 10 26.35 9.23 -27.60
N LYS A 11 26.51 9.92 -28.73
CA LYS A 11 25.88 11.21 -29.00
C LYS A 11 26.33 12.26 -27.98
N ARG A 12 25.45 12.60 -27.04
CA ARG A 12 25.78 13.64 -26.06
C ARG A 12 26.63 13.09 -24.92
N GLN A 13 26.08 12.14 -24.16
CA GLN A 13 26.74 11.44 -23.06
C GLN A 13 27.07 12.37 -21.89
N PRO A 14 27.13 11.85 -20.67
CA PRO A 14 27.49 12.70 -19.52
C PRO A 14 28.90 13.29 -19.61
N MET A 15 29.90 12.43 -19.78
CA MET A 15 31.30 12.84 -19.91
C MET A 15 31.74 13.67 -18.70
N VAL A 16 31.76 13.02 -17.54
CA VAL A 16 32.09 13.72 -16.30
C VAL A 16 33.56 14.16 -16.29
N ASN A 17 34.44 13.34 -16.84
CA ASN A 17 35.88 13.63 -16.82
C ASN A 17 36.49 13.34 -18.19
N GLY A 18 35.77 13.67 -19.26
CA GLY A 18 36.27 13.49 -20.59
C GLY A 18 36.00 12.13 -21.21
N ARG A 19 35.50 11.17 -20.43
CA ARG A 19 35.15 9.86 -20.94
C ARG A 19 33.80 9.44 -20.38
N ALA A 20 33.09 8.61 -21.16
CA ALA A 20 31.73 8.24 -20.82
C ALA A 20 31.68 7.36 -19.58
N ILE A 21 30.61 7.50 -18.80
CA ILE A 21 30.38 6.68 -17.63
C ILE A 21 29.33 5.59 -17.87
N ILE A 22 28.47 5.76 -18.86
CA ILE A 22 27.41 4.80 -19.11
C ILE A 22 27.98 3.60 -19.86
N ASN A 23 27.74 2.41 -19.32
CA ASN A 23 28.13 1.16 -19.98
C ASN A 23 27.05 0.81 -20.99
N PHE A 24 27.27 1.17 -22.26
CA PHE A 24 26.26 0.95 -23.27
C PHE A 24 26.06 -0.53 -23.58
N GLN A 25 27.10 -1.34 -23.38
CA GLN A 25 26.94 -2.79 -23.57
C GLN A 25 25.97 -3.37 -22.56
N HIS A 26 26.05 -2.94 -21.31
CA HIS A 26 25.12 -3.43 -20.30
C HIS A 26 23.74 -2.81 -20.46
N LEU A 27 23.68 -1.55 -20.92
CA LEU A 27 22.39 -0.88 -21.07
C LEU A 27 21.55 -1.52 -22.16
N SER A 28 22.18 -2.09 -23.19
CA SER A 28 21.42 -2.74 -24.25
C SER A 28 20.67 -3.96 -23.74
N THR A 29 21.31 -4.75 -22.88
CA THR A 29 20.69 -5.96 -22.34
C THR A 29 19.91 -5.72 -21.06
N TYR A 30 19.99 -4.53 -20.48
CA TYR A 30 19.29 -4.23 -19.23
C TYR A 30 17.88 -3.77 -19.58
N GLU A 31 16.97 -4.72 -19.68
CA GLU A 31 15.56 -4.44 -19.98
C GLU A 31 14.66 -5.17 -18.98
N PRO A 32 14.63 -4.70 -17.74
CA PRO A 32 13.82 -5.37 -16.72
C PRO A 32 12.35 -5.02 -16.85
N GLU A 33 11.54 -5.77 -16.11
CA GLU A 33 10.11 -5.51 -16.09
C GLU A 33 9.83 -4.17 -15.43
N GLN A 34 8.76 -3.51 -15.90
CA GLN A 34 8.44 -2.17 -15.40
C GLN A 34 8.05 -2.20 -13.93
N PHE A 35 7.37 -3.26 -13.49
CA PHE A 35 6.95 -3.36 -12.09
C PHE A 35 8.08 -3.74 -11.15
N GLU A 36 9.22 -4.21 -11.67
CA GLU A 36 10.33 -4.60 -10.82
C GLU A 36 11.18 -3.41 -10.37
N VAL A 37 11.04 -2.25 -10.99
CA VAL A 37 11.79 -1.06 -10.64
C VAL A 37 10.87 0.10 -10.26
N ALA A 38 9.63 -0.20 -9.89
CA ALA A 38 8.66 0.81 -9.51
C ALA A 38 8.61 0.95 -7.99
N ASN A 39 8.48 2.18 -7.52
CA ASN A 39 8.41 2.47 -6.09
C ASN A 39 6.98 2.47 -5.57
N THR A 40 5.99 2.16 -6.42
CA THR A 40 4.60 2.09 -6.00
C THR A 40 4.24 0.75 -5.36
N ARG A 41 5.17 -0.20 -5.31
CA ARG A 41 4.95 -1.48 -4.66
C ARG A 41 6.18 -1.83 -3.82
N SER A 42 5.96 -2.68 -2.84
CA SER A 42 7.03 -3.08 -1.94
C SER A 42 8.09 -3.89 -2.69
N THR A 43 9.32 -3.80 -2.23
CA THR A 43 10.41 -4.54 -2.84
C THR A 43 10.31 -6.02 -2.49
N GLN A 44 11.15 -6.83 -3.14
CA GLN A 44 11.14 -8.27 -2.89
C GLN A 44 11.51 -8.58 -1.45
N GLU A 45 12.50 -7.86 -0.90
CA GLU A 45 12.87 -8.05 0.49
C GLU A 45 11.73 -7.69 1.43
N GLN A 46 11.06 -6.57 1.15
CA GLN A 46 9.92 -6.17 1.99
C GLN A 46 8.76 -7.14 1.85
N PHE A 47 8.47 -7.59 0.63
CA PHE A 47 7.39 -8.55 0.44
C PHE A 47 7.71 -9.89 1.10
N GLN A 48 8.97 -10.33 1.01
CA GLN A 48 9.35 -11.59 1.64
C GLN A 48 9.23 -11.50 3.15
N ALA A 49 9.61 -10.36 3.74
CA ALA A 49 9.49 -10.19 5.18
C ALA A 49 8.03 -10.20 5.61
N TRP A 50 7.14 -9.61 4.81
CA TRP A 50 5.71 -9.64 5.13
C TRP A 50 5.18 -11.06 5.10
N TYR A 51 5.65 -11.87 4.16
CA TYR A 51 5.17 -13.24 4.03
C TYR A 51 5.47 -14.06 5.29
N GLU A 52 6.68 -13.93 5.83
CA GLU A 52 7.04 -14.68 7.03
C GLU A 52 6.31 -14.16 8.26
N GLY A 53 6.02 -12.85 8.30
CA GLY A 53 5.30 -12.31 9.44
C GLY A 53 3.91 -12.88 9.58
N VAL A 54 3.20 -13.05 8.45
CA VAL A 54 1.87 -13.65 8.49
C VAL A 54 1.95 -15.11 8.90
N LYS A 55 2.99 -15.82 8.45
CA LYS A 55 3.15 -17.22 8.82
C LYS A 55 3.34 -17.38 10.32
N GLY A 56 4.16 -16.53 10.92
CA GLY A 56 4.43 -16.64 12.35
C GLY A 56 3.27 -16.24 13.23
N ASP A 57 2.35 -15.43 12.71
CA ASP A 57 1.21 -14.98 13.50
C ASP A 57 0.01 -15.92 13.36
N TYR A 58 -0.31 -16.33 12.13
CA TYR A 58 -1.40 -17.28 11.94
C TYR A 58 -0.99 -18.71 12.31
N GLY A 59 0.29 -19.03 12.21
CA GLY A 59 0.78 -20.35 12.56
C GLY A 59 0.64 -21.40 11.48
N VAL A 60 0.24 -21.02 10.27
CA VAL A 60 0.09 -21.97 9.18
C VAL A 60 1.41 -22.11 8.43
N ASP A 61 1.52 -23.18 7.66
CA ASP A 61 2.71 -23.48 6.88
C ASP A 61 2.56 -22.96 5.46
N ASP A 62 3.49 -23.34 4.58
CA ASP A 62 3.50 -22.81 3.22
C ASP A 62 2.23 -23.17 2.45
N THR A 63 1.78 -24.42 2.57
CA THR A 63 0.57 -24.82 1.87
C THR A 63 -0.67 -24.14 2.44
N GLY A 64 -0.66 -23.83 3.74
CA GLY A 64 -1.76 -23.08 4.32
C GLY A 64 -1.83 -21.66 3.81
N MET A 65 -0.66 -21.03 3.61
CA MET A 65 -0.64 -19.66 3.09
C MET A 65 -1.23 -19.58 1.69
N GLY A 66 -0.98 -20.60 0.86
CA GLY A 66 -1.52 -20.59 -0.50
C GLY A 66 -3.03 -20.49 -0.51
N ILE A 67 -3.70 -21.21 0.38
CA ILE A 67 -5.15 -21.11 0.49
C ILE A 67 -5.54 -19.76 1.07
N LEU A 68 -4.82 -19.31 2.11
CA LEU A 68 -5.17 -18.05 2.76
C LEU A 68 -4.96 -16.85 1.83
N LEU A 69 -3.90 -16.87 1.04
CA LEU A 69 -3.62 -15.74 0.16
C LEU A 69 -4.70 -15.57 -0.89
N ASN A 70 -5.26 -16.69 -1.39
CA ASN A 70 -6.39 -16.60 -2.30
C ASN A 70 -7.59 -15.96 -1.63
N GLY A 71 -7.90 -16.36 -0.40
CA GLY A 71 -9.01 -15.75 0.31
C GLY A 71 -8.76 -14.31 0.66
N LEU A 72 -7.53 -13.98 1.10
CA LEU A 72 -7.20 -12.60 1.43
C LEU A 72 -7.28 -11.69 0.21
N MET A 73 -6.80 -12.18 -0.94
CA MET A 73 -6.84 -11.36 -2.15
C MET A 73 -8.27 -11.05 -2.56
N VAL A 74 -9.16 -12.04 -2.49
CA VAL A 74 -10.57 -11.80 -2.82
C VAL A 74 -11.19 -10.81 -1.84
N TRP A 75 -10.86 -10.94 -0.55
CA TRP A 75 -11.37 -10.00 0.44
C TRP A 75 -10.85 -8.59 0.17
N CYS A 76 -9.59 -8.47 -0.24
CA CYS A 76 -9.02 -7.16 -0.56
C CYS A 76 -9.59 -6.58 -1.85
N ILE A 77 -10.10 -7.42 -2.75
CA ILE A 77 -10.75 -6.90 -3.96
C ILE A 77 -12.06 -6.20 -3.60
N GLU A 78 -12.88 -6.86 -2.77
CA GLU A 78 -14.16 -6.26 -2.39
C GLU A 78 -13.97 -5.10 -1.43
N ASN A 79 -13.11 -5.27 -0.43
CA ASN A 79 -12.88 -4.26 0.60
C ASN A 79 -11.48 -3.67 0.40
N GLY A 80 -11.41 -2.34 0.34
CA GLY A 80 -10.16 -1.69 0.00
C GLY A 80 -9.06 -1.96 1.01
N THR A 81 -7.83 -1.86 0.52
CA THR A 81 -6.64 -2.11 1.34
C THR A 81 -6.19 -0.84 2.06
N SER A 82 -7.12 -0.20 2.75
CA SER A 82 -6.80 1.00 3.52
C SER A 82 -5.98 0.64 4.75
N PRO A 83 -5.09 1.53 5.19
CA PRO A 83 -4.37 1.29 6.45
C PRO A 83 -5.26 1.39 7.68
N ASN A 84 -6.49 1.87 7.54
CA ASN A 84 -7.40 2.03 8.66
C ASN A 84 -8.33 0.84 8.86
N ILE A 85 -8.17 -0.23 8.08
CA ILE A 85 -9.03 -1.40 8.23
C ILE A 85 -8.75 -2.07 9.57
N ASN A 86 -9.79 -2.62 10.18
CA ASN A 86 -9.66 -3.25 11.49
C ASN A 86 -10.71 -4.34 11.62
N GLY A 87 -10.52 -5.19 12.61
CA GLY A 87 -11.42 -6.31 12.84
C GLY A 87 -10.87 -7.60 12.27
N VAL A 88 -11.71 -8.32 11.51
CA VAL A 88 -11.32 -9.58 10.92
C VAL A 88 -11.71 -9.57 9.44
N TRP A 89 -11.00 -10.39 8.67
CA TRP A 89 -11.32 -10.62 7.26
C TRP A 89 -11.78 -12.05 7.08
N THR A 90 -12.79 -12.25 6.24
CA THR A 90 -13.50 -13.51 6.14
C THR A 90 -13.25 -14.18 4.80
N MET A 91 -13.15 -15.51 4.82
CA MET A 91 -13.11 -16.32 3.62
C MET A 91 -14.04 -17.51 3.80
N MET A 92 -14.52 -18.04 2.68
CA MET A 92 -15.50 -19.13 2.68
C MET A 92 -14.77 -20.46 2.56
N ASP A 93 -14.94 -21.33 3.56
CA ASP A 93 -14.37 -22.67 3.53
C ASP A 93 -15.46 -23.65 3.10
N GLY A 94 -15.74 -23.62 1.80
CA GLY A 94 -16.77 -24.46 1.23
C GLY A 94 -18.17 -23.90 1.45
N ASP A 95 -18.67 -24.00 2.68
CA ASP A 95 -19.97 -23.45 3.04
C ASP A 95 -19.96 -22.65 4.34
N GLU A 96 -19.00 -22.87 5.23
CA GLU A 96 -18.91 -22.11 6.47
C GLU A 96 -18.01 -20.90 6.28
N GLN A 97 -18.12 -19.96 7.22
CA GLN A 97 -17.36 -18.71 7.20
C GLN A 97 -16.36 -18.71 8.34
N VAL A 98 -15.09 -18.46 8.00
CA VAL A 98 -14.00 -18.42 8.97
C VAL A 98 -13.35 -17.05 8.91
N THR A 99 -12.97 -16.54 10.08
CA THR A 99 -12.43 -15.20 10.22
C THR A 99 -10.97 -15.26 10.67
N TYR A 100 -10.18 -14.29 10.21
CA TYR A 100 -8.79 -14.16 10.61
C TYR A 100 -8.51 -12.72 11.02
N PRO A 101 -7.68 -12.50 12.03
CA PRO A 101 -7.41 -11.13 12.48
C PRO A 101 -6.69 -10.31 11.41
N ILE A 102 -6.96 -9.02 11.42
CA ILE A 102 -6.40 -8.09 10.45
C ILE A 102 -5.16 -7.41 11.03
N LYS A 103 -5.17 -7.17 12.34
CA LYS A 103 -4.06 -6.46 12.96
C LYS A 103 -2.70 -7.13 12.75
N PRO A 104 -2.53 -8.44 12.97
CA PRO A 104 -1.23 -9.05 12.67
C PRO A 104 -0.89 -9.03 11.18
N LEU A 105 -1.88 -8.89 10.31
CA LEU A 105 -1.64 -8.85 8.88
C LEU A 105 -1.18 -7.48 8.40
N LEU A 106 -1.39 -6.42 9.20
CA LEU A 106 -0.95 -5.08 8.87
C LEU A 106 0.36 -4.69 9.55
N ASP A 107 0.78 -5.43 10.58
CA ASP A 107 1.96 -5.05 11.35
C ASP A 107 3.26 -5.35 10.61
N HIS A 108 3.29 -6.39 9.78
CA HIS A 108 4.52 -6.84 9.14
C HIS A 108 4.73 -6.21 7.77
N ALA A 109 3.86 -5.30 7.35
CA ALA A 109 4.05 -4.59 6.09
C ALA A 109 4.90 -3.35 6.36
N VAL A 110 6.18 -3.43 5.98
CA VAL A 110 7.09 -2.29 6.21
C VAL A 110 6.62 -1.04 5.47
N PRO A 111 6.27 -1.09 4.17
CA PRO A 111 5.59 0.06 3.58
C PRO A 111 4.09 0.00 3.84
N THR A 112 3.32 0.87 3.19
CA THR A 112 1.87 0.81 3.34
C THR A 112 1.34 -0.52 2.82
N PHE A 113 0.22 -0.97 3.40
CA PHE A 113 -0.35 -2.25 3.04
C PHE A 113 -0.80 -2.30 1.58
N ARG A 114 -1.10 -1.16 0.98
CA ARG A 114 -1.49 -1.15 -0.43
C ARG A 114 -0.33 -1.58 -1.32
N GLN A 115 0.90 -1.24 -0.94
CA GLN A 115 2.06 -1.67 -1.71
C GLN A 115 2.24 -3.18 -1.63
N ILE A 116 1.94 -3.78 -0.48
CA ILE A 116 2.04 -5.22 -0.34
C ILE A 116 1.05 -5.92 -1.26
N MET A 117 -0.19 -5.43 -1.28
CA MET A 117 -1.22 -6.04 -2.12
C MET A 117 -1.02 -5.74 -3.60
N THR A 118 -0.17 -4.77 -3.93
CA THR A 118 0.10 -4.46 -5.34
C THR A 118 0.77 -5.64 -6.04
N HIS A 119 1.50 -6.48 -5.29
CA HIS A 119 2.08 -7.68 -5.87
C HIS A 119 1.00 -8.66 -6.37
N PHE A 120 -0.22 -8.55 -5.86
CA PHE A 120 -1.31 -9.42 -6.26
C PHE A 120 -2.18 -8.80 -7.34
N SER A 121 -1.78 -7.64 -7.88
CA SER A 121 -2.61 -6.94 -8.84
C SER A 121 -2.83 -7.76 -10.11
N ASP A 122 -1.77 -8.39 -10.61
CA ASP A 122 -1.90 -9.19 -11.83
C ASP A 122 -2.78 -10.42 -11.59
N VAL A 123 -2.66 -11.06 -10.43
CA VAL A 123 -3.49 -12.21 -10.12
C VAL A 123 -4.93 -11.77 -9.88
N ALA A 124 -5.13 -10.64 -9.20
CA ALA A 124 -6.48 -10.16 -8.92
C ALA A 124 -7.21 -9.80 -10.21
N GLU A 125 -6.50 -9.21 -11.17
CA GLU A 125 -7.14 -8.86 -12.44
C GLU A 125 -7.64 -10.09 -13.17
N ALA A 126 -6.86 -11.17 -13.16
CA ALA A 126 -7.30 -12.40 -13.81
C ALA A 126 -8.47 -13.03 -13.06
N TYR A 127 -8.55 -12.82 -11.75
CA TYR A 127 -9.66 -13.39 -10.97
C TYR A 127 -10.99 -12.78 -11.39
N ILE A 128 -11.02 -11.48 -11.66
CA ILE A 128 -12.27 -10.82 -12.02
C ILE A 128 -12.80 -11.36 -13.35
N GLU A 129 -11.92 -11.54 -14.33
CA GLU A 129 -12.34 -12.10 -15.61
C GLU A 129 -12.88 -13.52 -15.46
N MET A 130 -12.25 -14.32 -14.58
CA MET A 130 -12.76 -15.67 -14.34
C MET A 130 -14.18 -15.63 -13.80
N ARG A 131 -14.47 -14.66 -12.92
CA ARG A 131 -15.82 -14.51 -12.41
C ARG A 131 -16.77 -13.91 -13.43
N ASN A 132 -16.27 -13.05 -14.32
CA ASN A 132 -17.11 -12.36 -15.30
C ASN A 132 -17.09 -13.11 -16.64
N ARG A 133 -17.54 -14.35 -16.60
CA ARG A 133 -17.74 -15.12 -17.82
C ARG A 133 -19.15 -15.68 -17.93
N THR A 134 -19.75 -16.09 -16.81
CA THR A 134 -21.13 -16.55 -16.78
C THR A 134 -22.02 -15.71 -15.88
N LYS A 135 -21.46 -14.89 -15.01
CA LYS A 135 -22.22 -14.04 -14.11
C LYS A 135 -21.60 -12.64 -14.10
N ALA A 136 -22.43 -11.65 -13.78
CA ALA A 136 -21.97 -10.27 -13.69
C ALA A 136 -21.35 -10.06 -12.31
N TYR A 137 -20.02 -9.96 -12.27
CA TYR A 137 -19.28 -9.80 -11.03
C TYR A 137 -18.65 -8.41 -11.00
N MET A 138 -18.97 -7.65 -9.96
CA MET A 138 -18.43 -6.31 -9.78
C MET A 138 -17.92 -6.19 -8.34
N PRO A 139 -16.65 -5.89 -8.13
CA PRO A 139 -16.14 -5.74 -6.77
C PRO A 139 -16.84 -4.60 -6.04
N ARG A 140 -16.96 -4.75 -4.72
CA ARG A 140 -17.66 -3.75 -3.91
C ARG A 140 -17.01 -2.38 -4.02
N TYR A 141 -15.70 -2.34 -4.26
CA TYR A 141 -15.04 -1.06 -4.49
C TYR A 141 -15.59 -0.38 -5.73
N GLY A 142 -15.79 -1.14 -6.81
CA GLY A 142 -16.39 -0.58 -8.01
C GLY A 142 -17.84 -0.21 -7.83
N LEU A 143 -18.55 -0.93 -6.96
CA LEU A 143 -19.94 -0.57 -6.67
C LEU A 143 -20.03 0.76 -5.93
N GLN A 144 -19.09 1.03 -5.03
CA GLN A 144 -19.10 2.28 -4.28
C GLN A 144 -18.65 3.46 -5.14
N ARG A 145 -17.96 3.21 -6.26
CA ARG A 145 -17.56 4.25 -7.18
C ARG A 145 -18.61 4.53 -8.24
N ASN A 146 -19.74 3.82 -8.22
CA ASN A 146 -20.82 4.00 -9.19
C ASN A 146 -20.32 3.83 -10.62
N LEU A 147 -19.47 2.85 -10.84
CA LEU A 147 -18.96 2.55 -12.18
C LEU A 147 -20.00 1.74 -12.92
N THR A 148 -20.58 2.34 -13.97
CA THR A 148 -21.70 1.73 -14.69
C THR A 148 -21.25 0.83 -15.83
N ASP A 149 -19.95 0.72 -16.09
CA ASP A 149 -19.43 -0.11 -17.16
C ASP A 149 -19.01 -1.46 -16.59
N MET A 150 -19.78 -2.50 -16.92
CA MET A 150 -19.46 -3.84 -16.42
C MET A 150 -18.25 -4.42 -17.13
N SER A 151 -17.98 -3.97 -18.37
CA SER A 151 -16.79 -4.46 -19.07
C SER A 151 -15.52 -4.03 -18.38
N LEU A 152 -15.52 -2.87 -17.73
CA LEU A 152 -14.37 -2.41 -16.96
C LEU A 152 -14.46 -2.86 -15.50
N ALA A 153 -14.72 -4.15 -15.31
CA ALA A 153 -14.70 -4.75 -13.98
C ALA A 153 -13.33 -5.29 -13.61
N ARG A 154 -12.47 -5.53 -14.60
CA ARG A 154 -11.10 -5.94 -14.32
C ARG A 154 -10.40 -4.95 -13.41
N TYR A 155 -10.74 -3.67 -13.50
CA TYR A 155 -10.05 -2.59 -12.81
C TYR A 155 -11.05 -1.96 -11.85
N ALA A 156 -11.24 -2.60 -10.69
CA ALA A 156 -12.19 -2.11 -9.70
C ALA A 156 -11.70 -2.30 -8.29
N PHE A 157 -10.38 -2.29 -8.09
CA PHE A 157 -9.81 -2.43 -6.76
C PHE A 157 -8.68 -1.41 -6.59
N ASP A 158 -8.46 -1.00 -5.34
CA ASP A 158 -7.59 0.12 -5.06
C ASP A 158 -6.10 -0.22 -5.15
N PHE A 159 -5.74 -1.50 -5.23
CA PHE A 159 -4.34 -1.90 -5.32
C PHE A 159 -3.96 -2.33 -6.74
N TYR A 160 -4.60 -1.75 -7.74
CA TYR A 160 -4.29 -2.06 -9.12
C TYR A 160 -3.07 -1.27 -9.58
N GLU A 161 -2.20 -1.94 -10.35
CA GLU A 161 -0.98 -1.34 -10.86
C GLU A 161 -1.14 -1.01 -12.33
N LEU A 162 -0.85 0.23 -12.70
CA LEU A 162 -0.91 0.63 -14.10
C LEU A 162 0.20 -0.03 -14.89
N HIS A 163 -0.11 -0.40 -16.13
CA HIS A 163 0.84 -1.04 -17.02
C HIS A 163 0.96 -0.25 -18.31
N SER A 164 2.07 -0.49 -19.02
CA SER A 164 2.31 0.22 -20.28
C SER A 164 1.30 -0.18 -21.34
N THR A 165 0.97 -1.46 -21.44
CA THR A 165 0.13 -1.98 -22.51
C THR A 165 -1.21 -2.54 -22.05
N THR A 166 -1.32 -2.98 -20.80
CA THR A 166 -2.56 -3.62 -20.37
C THR A 166 -3.77 -2.70 -20.43
N PRO A 167 -3.75 -1.48 -19.90
CA PRO A 167 -4.92 -0.62 -20.03
C PRO A 167 -4.83 0.33 -21.21
N ALA A 168 -5.97 0.50 -21.90
CA ALA A 168 -6.08 1.47 -22.98
C ALA A 168 -7.05 2.59 -22.63
N ARG A 169 -8.31 2.24 -22.31
CA ARG A 169 -9.28 3.20 -21.81
C ARG A 169 -9.48 3.08 -20.30
N ALA A 170 -8.97 2.02 -19.69
CA ALA A 170 -9.11 1.82 -18.26
C ALA A 170 -8.23 2.77 -17.45
N LYS A 171 -7.20 3.36 -18.08
CA LYS A 171 -6.38 4.34 -17.37
C LYS A 171 -7.22 5.54 -16.95
N GLU A 172 -8.06 6.04 -17.85
CA GLU A 172 -8.93 7.17 -17.52
C GLU A 172 -9.93 6.79 -16.44
N ALA A 173 -10.52 5.59 -16.54
CA ALA A 173 -11.49 5.17 -15.53
C ALA A 173 -10.83 4.94 -14.17
N HIS A 174 -9.66 4.31 -14.15
CA HIS A 174 -9.00 4.01 -12.89
C HIS A 174 -8.60 5.28 -12.14
N LEU A 175 -8.09 6.28 -12.87
CA LEU A 175 -7.70 7.53 -12.23
C LEU A 175 -8.91 8.33 -11.75
N GLN A 176 -10.02 8.26 -12.48
CA GLN A 176 -11.22 8.98 -12.05
C GLN A 176 -11.76 8.44 -10.73
N MET A 177 -11.77 7.12 -10.56
CA MET A 177 -12.18 6.53 -9.29
C MET A 177 -11.19 6.85 -8.18
N LYS A 178 -9.90 6.92 -8.50
CA LYS A 178 -8.91 7.31 -7.50
C LYS A 178 -9.13 8.75 -7.04
N ALA A 179 -9.41 9.65 -7.99
CA ALA A 179 -9.68 11.04 -7.63
C ALA A 179 -10.96 11.16 -6.81
N ALA A 180 -12.00 10.41 -7.18
CA ALA A 180 -13.25 10.47 -6.44
C ALA A 180 -13.08 9.94 -5.02
N ALA A 181 -12.31 8.87 -4.84
CA ALA A 181 -12.13 8.29 -3.52
C ALA A 181 -11.20 9.12 -2.64
N LEU A 182 -10.39 9.99 -3.24
CA LEU A 182 -9.44 10.83 -2.51
C LEU A 182 -9.83 12.30 -2.55
N LYS A 183 -11.13 12.59 -2.62
CA LYS A 183 -11.57 13.98 -2.73
C LYS A 183 -11.43 14.72 -1.39
N ASN A 184 -11.55 14.01 -0.27
CA ASN A 184 -11.50 14.61 1.05
C ASN A 184 -10.48 13.91 1.94
N ALA A 185 -9.31 13.63 1.38
CA ALA A 185 -8.24 12.96 2.11
C ALA A 185 -7.38 14.01 2.81
N ARG A 186 -7.43 14.02 4.14
CA ARG A 186 -6.61 14.93 4.92
C ARG A 186 -5.17 14.44 4.98
N ASN A 187 -4.23 15.38 4.97
CA ASN A 187 -2.80 15.07 5.02
C ASN A 187 -2.17 15.92 6.11
N ARG A 188 -2.18 15.42 7.34
CA ARG A 188 -1.51 16.06 8.46
C ARG A 188 -0.40 15.15 8.97
N LEU A 189 0.82 15.69 9.03
CA LEU A 189 1.96 14.91 9.50
C LEU A 189 1.88 14.67 11.01
N PHE A 190 1.60 15.71 11.77
CA PHE A 190 1.61 15.65 13.22
C PHE A 190 0.18 15.62 13.76
N GLY A 191 0.04 15.74 15.07
CA GLY A 191 -1.25 15.81 15.71
C GLY A 191 -1.32 15.08 17.04
N LEU A 192 -1.72 15.79 18.10
CA LEU A 192 -1.89 15.24 19.44
C LEU A 192 -0.59 14.56 19.91
N ASP A 193 0.41 15.42 20.16
CA ASP A 193 1.68 14.94 20.64
C ASP A 193 1.56 14.38 22.05
N GLY A 194 2.57 13.62 22.47
CA GLY A 194 2.51 12.92 23.74
C GLY A 194 2.71 13.77 24.97
N ASN A 195 3.08 15.04 24.81
CA ASN A 195 3.27 15.92 25.95
C ASN A 195 1.94 16.47 26.42
N VAL A 196 1.73 16.47 27.73
CA VAL A 196 0.47 16.91 28.33
C VAL A 196 0.60 18.28 28.97
N SER A 197 1.71 19.00 28.72
CA SER A 197 1.93 20.37 29.17
C SER A 197 1.90 20.38 30.70
N THR A 198 0.96 21.08 31.34
CA THR A 198 0.88 21.22 32.80
C THR A 198 2.17 21.91 33.28
N GLN A 199 2.54 21.70 34.54
CA GLN A 199 3.73 22.30 35.12
C GLN A 199 4.17 21.46 36.31
N GLU A 200 5.19 21.94 37.03
CA GLU A 200 5.70 21.25 38.20
C GLU A 200 5.95 22.27 39.30
N GLU A 201 5.47 21.96 40.51
CA GLU A 201 5.63 22.83 41.66
C GLU A 201 6.69 22.25 42.58
N ASP A 202 7.71 23.06 42.90
CA ASP A 202 8.81 22.66 43.77
C ASP A 202 8.91 23.69 44.88
N THR A 203 8.16 23.48 45.96
CA THR A 203 8.17 24.38 47.10
C THR A 203 7.89 23.59 48.36
N GLU A 204 8.67 23.85 49.40
CA GLU A 204 8.51 23.14 50.67
C GLU A 204 7.20 23.55 51.34
N ARG A 205 6.66 22.62 52.13
CA ARG A 205 5.44 22.85 52.90
C ARG A 205 5.74 22.67 54.37
N HIS A 206 5.39 23.66 55.18
CA HIS A 206 5.65 23.63 56.61
C HIS A 206 4.41 24.09 57.36
N THR A 207 4.29 23.64 58.61
CA THR A 207 3.15 24.01 59.44
C THR A 207 3.20 25.48 59.85
N THR A 208 4.37 26.12 59.78
CA THR A 208 4.49 27.53 60.15
C THR A 208 4.11 28.47 59.03
N THR A 209 3.84 27.97 57.84
CA THR A 209 3.49 28.79 56.68
C THR A 209 1.99 28.68 56.40
N ASP A 210 1.55 29.47 55.44
CA ASP A 210 0.15 29.45 55.00
C ASP A 210 -0.02 28.38 53.92
N VAL A 211 -1.15 28.43 53.22
CA VAL A 211 -1.42 27.43 52.18
C VAL A 211 -0.37 27.50 51.08
N THR A 212 0.09 28.71 50.74
CA THR A 212 1.11 28.91 49.71
C THR A 212 2.42 29.40 50.30
N ARG A 213 2.42 30.51 51.04
CA ARG A 213 3.64 31.05 51.60
C ARG A 213 3.27 32.02 52.71
N ASN A 214 4.29 32.47 53.45
CA ASN A 214 4.08 33.43 54.52
C ASN A 214 3.77 34.81 53.96
N ILE A 215 3.18 35.65 54.82
CA ILE A 215 2.83 37.01 54.46
C ILE A 215 3.84 37.99 55.05
N HIS A 216 4.42 38.82 54.19
CA HIS A 216 5.44 39.77 54.60
C HIS A 216 5.14 41.13 53.97
N ASN A 217 5.66 42.18 54.61
CA ASN A 217 5.48 43.56 54.15
C ASN A 217 4.00 43.93 54.08
N LEU A 218 3.21 43.40 55.01
CA LEU A 218 1.79 43.70 55.13
C LEU A 218 1.53 44.30 56.50
N LEU A 219 0.88 45.46 56.52
CA LEU A 219 0.60 46.17 57.77
C LEU A 219 -0.88 46.50 57.85
N GLY A 220 -1.40 46.53 59.07
CA GLY A 220 -2.80 46.82 59.30
C GLY A 220 -3.26 46.51 60.71
#